data_8PN4
#
_entry.id   8PN4
#
_cell.length_a   39.426
_cell.length_b   134.560
_cell.length_c   64.491
_cell.angle_alpha   90.00
_cell.angle_beta   93.18
_cell.angle_gamma   90.00
#
_symmetry.space_group_name_H-M   'P 1 21 1'
#
loop_
_entity.id
_entity.type
_entity.pdbx_description
1 polymer 'BarH-like 2 homeobox protein'
2 polymer DNA
3 polymer DNA
4 non-polymer 'ACETATE ION'
5 water water
#
loop_
_entity_poly.entity_id
_entity_poly.type
_entity_poly.pdbx_seq_one_letter_code
_entity_poly.pdbx_strand_id
1 'polypeptide(L)' PRKARTAFSDHQLNQLERSFERQKYLSVQDRMDLAAALNLTDTQVKTWYQNRRTKWKRQTAV A,D,G,J,M
2 'polydeoxyribonucleotide' (DC)(DG)(DC)(DT)(DA)(DA)(DC)(DC)(DG)(DG)(DT)(DT) B,E,H,K
3 'polydeoxyribonucleotide' (DA)(DA)(DC)(DC)(DG)(DG)(DT)(DT)(DA)(DG)(DC)(DG) C,F,I,L
#
loop_
_chem_comp.id
_chem_comp.type
_chem_comp.name
_chem_comp.formula
ACT non-polymer 'ACETATE ION' 'C2 H3 O2 -1'
DA DNA linking 2'-DEOXYADENOSINE-5'-MONOPHOSPHATE 'C10 H14 N5 O6 P'
DC DNA linking 2'-DEOXYCYTIDINE-5'-MONOPHOSPHATE 'C9 H14 N3 O7 P'
DG DNA linking 2'-DEOXYGUANOSINE-5'-MONOPHOSPHATE 'C10 H14 N5 O7 P'
DT DNA linking THYMIDINE-5'-MONOPHOSPHATE 'C10 H15 N2 O8 P'
#
# COMPACT_ATOMS: atom_id res chain seq x y z
N PRO A 1 -11.70 -0.84 30.12
CA PRO A 1 -10.82 -0.18 29.14
C PRO A 1 -11.00 -0.80 27.77
N ARG A 2 -11.32 0.03 26.77
CA ARG A 2 -11.74 -0.43 25.45
C ARG A 2 -11.58 0.72 24.45
N LYS A 3 -11.22 0.39 23.21
CA LYS A 3 -10.99 1.38 22.17
C LYS A 3 -12.31 1.96 21.68
N ALA A 4 -12.33 3.26 21.39
CA ALA A 4 -13.46 3.87 20.72
C ALA A 4 -13.71 3.14 19.41
N ARG A 5 -14.97 3.00 19.01
CA ARG A 5 -15.32 2.45 17.72
C ARG A 5 -14.94 3.44 16.62
N THR A 6 -14.17 2.97 15.64
CA THR A 6 -13.77 3.77 14.48
C THR A 6 -14.99 4.08 13.62
N ALA A 7 -15.06 5.33 13.14
CA ALA A 7 -16.03 5.74 12.15
C ALA A 7 -15.34 5.91 10.80
N PHE A 8 -15.53 4.94 9.90
CA PHE A 8 -14.91 4.98 8.58
C PHE A 8 -15.61 6.00 7.72
N SER A 9 -14.82 6.75 6.95
CA SER A 9 -15.32 7.71 5.97
C SER A 9 -15.84 6.96 4.74
N ASP A 10 -16.75 7.58 4.01
CA ASP A 10 -17.22 7.03 2.74
C ASP A 10 -16.01 6.58 1.91
N HIS A 11 -14.95 7.41 1.87
CA HIS A 11 -13.76 7.13 1.08
C HIS A 11 -13.08 5.86 1.60
N GLN A 12 -12.96 5.73 2.93
CA GLN A 12 -12.29 4.58 3.52
C GLN A 12 -13.06 3.31 3.20
N LEU A 13 -14.36 3.29 3.50
CA LEU A 13 -15.24 2.17 3.17
C LEU A 13 -15.09 1.76 1.71
N ASN A 14 -15.15 2.76 0.82
CA ASN A 14 -15.15 2.49 -0.60
C ASN A 14 -13.87 1.76 -0.99
N GLN A 15 -12.72 2.24 -0.49
CA GLN A 15 -11.43 1.70 -0.88
C GLN A 15 -11.21 0.33 -0.21
N LEU A 16 -11.69 0.17 1.03
CA LEU A 16 -11.56 -1.10 1.70
C LEU A 16 -12.33 -2.15 0.90
N GLU A 17 -13.57 -1.83 0.51
CA GLU A 17 -14.38 -2.76 -0.25
C GLU A 17 -13.70 -3.11 -1.56
N ARG A 18 -13.23 -2.08 -2.27
CA ARG A 18 -12.56 -2.25 -3.54
C ARG A 18 -11.40 -3.24 -3.36
N SER A 19 -10.60 -3.04 -2.31
CA SER A 19 -9.50 -3.94 -2.01
C SER A 19 -10.00 -5.35 -1.75
N PHE A 20 -11.11 -5.48 -1.02
CA PHE A 20 -11.65 -6.79 -0.68
C PHE A 20 -12.04 -7.50 -1.97
N GLU A 21 -12.71 -6.79 -2.88
CA GLU A 21 -13.15 -7.37 -4.13
CA GLU A 21 -13.16 -7.34 -4.15
C GLU A 21 -11.96 -7.84 -4.96
N ARG A 22 -10.80 -7.19 -4.81
CA ARG A 22 -9.59 -7.54 -5.54
C ARG A 22 -8.87 -8.70 -4.86
N GLN A 23 -8.58 -8.56 -3.56
CA GLN A 23 -7.97 -9.61 -2.74
C GLN A 23 -8.79 -9.86 -1.47
N LYS A 24 -9.07 -11.15 -1.18
CA LYS A 24 -9.77 -11.55 0.04
C LYS A 24 -8.85 -11.51 1.26
N TYR A 25 -7.53 -11.58 1.04
CA TYR A 25 -6.57 -11.50 2.13
C TYR A 25 -5.42 -10.59 1.76
N LEU A 26 -4.80 -9.97 2.77
CA LEU A 26 -3.69 -9.06 2.54
C LEU A 26 -2.43 -9.60 3.21
N SER A 27 -1.30 -9.50 2.49
CA SER A 27 0.01 -9.64 3.09
C SER A 27 0.22 -8.50 4.07
N VAL A 28 1.16 -8.65 5.01
CA VAL A 28 1.46 -7.60 5.96
C VAL A 28 1.77 -6.30 5.23
N GLN A 29 2.55 -6.39 4.14
CA GLN A 29 2.95 -5.17 3.44
C GLN A 29 1.75 -4.54 2.75
N ASP A 30 0.94 -5.36 2.08
CA ASP A 30 -0.26 -4.88 1.42
C ASP A 30 -1.19 -4.19 2.42
N ARG A 31 -1.22 -4.69 3.65
CA ARG A 31 -2.05 -4.13 4.72
C ARG A 31 -1.52 -2.75 5.12
N MET A 32 -0.20 -2.67 5.34
CA MET A 32 0.43 -1.46 5.81
C MET A 32 0.27 -0.38 4.75
N ASP A 33 0.44 -0.77 3.47
CA ASP A 33 0.29 0.13 2.34
C ASP A 33 -1.12 0.73 2.34
N LEU A 34 -2.13 -0.13 2.52
CA LEU A 34 -3.52 0.28 2.48
C LEU A 34 -3.81 1.19 3.67
N ALA A 35 -3.33 0.81 4.86
CA ALA A 35 -3.52 1.62 6.06
C ALA A 35 -2.91 3.02 5.84
N ALA A 36 -1.75 3.08 5.18
CA ALA A 36 -1.07 4.34 4.93
C ALA A 36 -1.83 5.20 3.91
N ALA A 37 -2.47 4.54 2.94
CA ALA A 37 -3.22 5.22 1.90
C ALA A 37 -4.48 5.90 2.47
N LEU A 38 -5.06 5.31 3.52
CA LEU A 38 -6.35 5.71 4.04
C LEU A 38 -6.22 6.37 5.41
N ASN A 39 -5.00 6.65 5.86
CA ASN A 39 -4.75 7.23 7.18
C ASN A 39 -5.48 6.41 8.25
N LEU A 40 -5.20 5.10 8.27
CA LEU A 40 -5.72 4.20 9.28
C LEU A 40 -4.55 3.47 9.94
N THR A 41 -4.81 2.88 11.11
CA THR A 41 -3.84 2.01 11.75
C THR A 41 -3.82 0.69 11.00
N ASP A 42 -2.66 0.02 10.99
CA ASP A 42 -2.54 -1.33 10.47
C ASP A 42 -3.67 -2.20 11.03
N THR A 43 -3.84 -2.13 12.36
CA THR A 43 -4.76 -3.02 13.03
C THR A 43 -6.20 -2.73 12.64
N GLN A 44 -6.53 -1.45 12.39
CA GLN A 44 -7.88 -1.11 11.97
C GLN A 44 -8.23 -1.83 10.65
N VAL A 45 -7.24 -1.88 9.76
CA VAL A 45 -7.39 -2.52 8.46
C VAL A 45 -7.45 -4.03 8.65
N LYS A 46 -6.52 -4.57 9.45
CA LYS A 46 -6.51 -6.00 9.73
C LYS A 46 -7.89 -6.42 10.22
N THR A 47 -8.42 -5.64 11.17
CA THR A 47 -9.70 -5.95 11.76
C THR A 47 -10.82 -5.83 10.73
N TRP A 48 -10.76 -4.77 9.89
CA TRP A 48 -11.78 -4.58 8.87
C TRP A 48 -11.86 -5.82 7.99
N TYR A 49 -10.71 -6.22 7.43
CA TYR A 49 -10.65 -7.38 6.55
C TYR A 49 -11.32 -8.55 7.24
N GLN A 50 -10.96 -8.77 8.52
CA GLN A 50 -11.36 -9.98 9.20
C GLN A 50 -12.87 -10.03 9.34
N ASN A 51 -13.44 -8.90 9.78
CA ASN A 51 -14.89 -8.75 9.87
C ASN A 51 -15.53 -8.83 8.49
N ARG A 52 -14.86 -8.35 7.44
CA ARG A 52 -15.43 -8.38 6.10
C ARG A 52 -15.51 -9.82 5.60
N ARG A 53 -14.48 -10.62 5.90
CA ARG A 53 -14.47 -12.03 5.52
C ARG A 53 -15.60 -12.76 6.23
N THR A 54 -15.82 -12.42 7.51
CA THR A 54 -16.87 -13.04 8.28
C THR A 54 -18.22 -12.81 7.61
N LYS A 55 -18.46 -11.55 7.23
CA LYS A 55 -19.68 -11.16 6.54
C LYS A 55 -19.81 -11.91 5.23
N TRP A 56 -18.67 -12.10 4.56
CA TRP A 56 -18.65 -12.74 3.25
C TRP A 56 -19.09 -14.20 3.34
N LYS A 57 -18.69 -14.90 4.41
CA LYS A 57 -19.05 -16.31 4.57
C LYS A 57 -20.52 -16.45 5.00
N ARG A 58 -21.03 -15.45 5.69
CA ARG A 58 -22.43 -15.45 6.08
C ARG A 58 -23.30 -15.35 4.84
N GLN A 59 -22.93 -14.45 3.93
CA GLN A 59 -23.86 -14.05 2.87
C GLN A 59 -23.72 -14.95 1.64
N THR A 60 -22.70 -15.81 1.61
CA THR A 60 -22.69 -16.92 0.67
C THR A 60 -23.14 -18.17 1.43
N PRO D 1 -5.58 -35.37 -25.67
CA PRO D 1 -4.72 -34.25 -26.06
C PRO D 1 -5.13 -32.97 -25.33
N ARG D 2 -4.16 -32.36 -24.65
CA ARG D 2 -4.38 -31.15 -23.87
C ARG D 2 -4.77 -30.00 -24.82
N LYS D 3 -5.69 -29.14 -24.35
CA LYS D 3 -6.15 -28.00 -25.12
C LYS D 3 -5.06 -26.93 -25.17
N ALA D 4 -4.95 -26.28 -26.34
CA ALA D 4 -4.04 -25.15 -26.49
C ALA D 4 -4.38 -24.11 -25.42
N ARG D 5 -3.33 -23.47 -24.89
CA ARG D 5 -3.52 -22.47 -23.84
C ARG D 5 -4.07 -21.19 -24.48
N THR D 6 -5.16 -20.67 -23.93
CA THR D 6 -5.72 -19.41 -24.40
C THR D 6 -4.81 -18.25 -23.99
N ALA D 7 -4.59 -17.31 -24.92
CA ALA D 7 -3.91 -16.06 -24.63
C ALA D 7 -4.93 -14.94 -24.63
N PHE D 8 -5.26 -14.41 -23.45
CA PHE D 8 -6.21 -13.32 -23.32
C PHE D 8 -5.56 -12.01 -23.76
N SER D 9 -6.33 -11.16 -24.46
CA SER D 9 -5.90 -9.81 -24.81
C SER D 9 -5.99 -8.90 -23.59
N ASP D 10 -5.21 -7.82 -23.59
CA ASP D 10 -5.30 -6.82 -22.53
C ASP D 10 -6.77 -6.46 -22.33
N HIS D 11 -7.52 -6.27 -23.42
CA HIS D 11 -8.92 -5.89 -23.34
C HIS D 11 -9.73 -6.97 -22.61
N GLN D 12 -9.49 -8.23 -22.96
CA GLN D 12 -10.23 -9.33 -22.36
C GLN D 12 -9.94 -9.40 -20.87
N LEU D 13 -8.66 -9.45 -20.48
CA LEU D 13 -8.24 -9.43 -19.09
C LEU D 13 -8.89 -8.28 -18.33
N ASN D 14 -8.86 -7.08 -18.91
CA ASN D 14 -9.35 -5.90 -18.23
C ASN D 14 -10.83 -6.08 -17.89
N GLN D 15 -11.62 -6.57 -18.86
CA GLN D 15 -13.06 -6.69 -18.69
C GLN D 15 -13.39 -7.87 -17.77
N LEU D 16 -12.61 -8.94 -17.85
CA LEU D 16 -12.78 -10.09 -16.97
C LEU D 16 -12.58 -9.61 -15.53
N GLU D 17 -11.50 -8.88 -15.28
CA GLU D 17 -11.20 -8.40 -13.93
C GLU D 17 -12.33 -7.50 -13.45
N ARG D 18 -12.75 -6.56 -14.30
CA ARG D 18 -13.82 -5.65 -13.97
C ARG D 18 -15.05 -6.44 -13.52
N SER D 19 -15.41 -7.46 -14.30
CA SER D 19 -16.54 -8.31 -13.95
C SER D 19 -16.31 -9.01 -12.61
N PHE D 20 -15.09 -9.48 -12.38
CA PHE D 20 -14.77 -10.21 -11.16
C PHE D 20 -14.97 -9.29 -9.98
N GLU D 21 -14.46 -8.05 -10.08
CA GLU D 21 -14.56 -7.08 -9.00
C GLU D 21 -16.02 -6.79 -8.68
N ARG D 22 -16.90 -6.86 -9.69
CA ARG D 22 -18.31 -6.57 -9.53
C ARG D 22 -19.06 -7.78 -8.98
N GLN D 23 -18.91 -8.93 -9.65
CA GLN D 23 -19.48 -10.19 -9.20
C GLN D 23 -18.40 -11.27 -9.09
N LYS D 24 -18.33 -11.95 -7.92
CA LYS D 24 -17.39 -13.06 -7.73
C LYS D 24 -17.88 -14.34 -8.40
N TYR D 25 -19.19 -14.42 -8.63
CA TYR D 25 -19.79 -15.57 -9.30
C TYR D 25 -20.87 -15.07 -10.25
N LEU D 26 -21.06 -15.82 -11.35
CA LEU D 26 -21.97 -15.45 -12.40
C LEU D 26 -23.03 -16.52 -12.56
N SER D 27 -24.26 -16.10 -12.85
CA SER D 27 -25.28 -16.98 -13.38
C SER D 27 -24.84 -17.46 -14.76
N VAL D 28 -25.43 -18.57 -15.22
CA VAL D 28 -25.12 -19.11 -16.55
C VAL D 28 -25.25 -18.01 -17.59
N GLN D 29 -26.34 -17.23 -17.50
CA GLN D 29 -26.65 -16.22 -18.50
C GLN D 29 -25.64 -15.09 -18.42
N ASP D 30 -25.33 -14.62 -17.21
CA ASP D 30 -24.35 -13.57 -17.02
C ASP D 30 -23.00 -13.97 -17.60
N ARG D 31 -22.67 -15.27 -17.50
CA ARG D 31 -21.41 -15.78 -18.00
C ARG D 31 -21.40 -15.76 -19.52
N MET D 32 -22.50 -16.25 -20.10
CA MET D 32 -22.61 -16.36 -21.55
C MET D 32 -22.60 -14.97 -22.17
N ASP D 33 -23.28 -14.02 -21.51
CA ASP D 33 -23.31 -12.63 -21.94
C ASP D 33 -21.88 -12.09 -21.99
N LEU D 34 -21.10 -12.34 -20.94
CA LEU D 34 -19.73 -11.84 -20.85
C LEU D 34 -18.85 -12.51 -21.92
N ALA D 35 -18.98 -13.83 -22.08
CA ALA D 35 -18.27 -14.55 -23.12
C ALA D 35 -18.56 -13.96 -24.50
N ALA D 36 -19.83 -13.61 -24.73
CA ALA D 36 -20.27 -13.06 -26.00
C ALA D 36 -19.73 -11.65 -26.22
N ALA D 37 -19.58 -10.88 -25.13
CA ALA D 37 -19.08 -9.52 -25.20
C ALA D 37 -17.61 -9.49 -25.60
N LEU D 38 -16.85 -10.53 -25.22
CA LEU D 38 -15.41 -10.54 -25.35
C LEU D 38 -14.93 -11.52 -26.41
N ASN D 39 -15.88 -12.09 -27.19
CA ASN D 39 -15.55 -13.06 -28.22
C ASN D 39 -14.73 -14.19 -27.59
N LEU D 40 -15.25 -14.77 -26.51
CA LEU D 40 -14.63 -15.92 -25.86
C LEU D 40 -15.66 -17.05 -25.76
N THR D 41 -15.17 -18.28 -25.57
CA THR D 41 -16.05 -19.41 -25.32
C THR D 41 -16.60 -19.27 -23.90
N ASP D 42 -17.81 -19.80 -23.68
CA ASP D 42 -18.36 -19.86 -22.34
C ASP D 42 -17.36 -20.49 -21.39
N THR D 43 -16.78 -21.61 -21.82
CA THR D 43 -15.87 -22.40 -21.01
C THR D 43 -14.62 -21.60 -20.64
N GLN D 44 -14.12 -20.79 -21.58
CA GLN D 44 -12.93 -20.00 -21.33
C GLN D 44 -13.17 -19.05 -20.15
N VAL D 45 -14.38 -18.46 -20.13
CA VAL D 45 -14.77 -17.52 -19.10
C VAL D 45 -15.01 -18.28 -17.80
N LYS D 46 -15.74 -19.39 -17.88
CA LYS D 46 -16.00 -20.21 -16.70
C LYS D 46 -14.67 -20.54 -16.04
N THR D 47 -13.71 -20.99 -16.85
CA THR D 47 -12.41 -21.39 -16.34
C THR D 47 -11.68 -20.19 -15.75
N TRP D 48 -11.73 -19.04 -16.46
CA TRP D 48 -11.06 -17.85 -15.96
C TRP D 48 -11.56 -17.51 -14.56
N TYR D 49 -12.89 -17.40 -14.41
CA TYR D 49 -13.51 -17.09 -13.13
C TYR D 49 -12.93 -18.04 -12.11
N GLN D 50 -12.94 -19.34 -12.42
CA GLN D 50 -12.66 -20.36 -11.42
C GLN D 50 -11.24 -20.23 -10.90
N ASN D 51 -10.31 -20.05 -11.85
CA ASN D 51 -8.92 -19.79 -11.50
C ASN D 51 -8.77 -18.49 -10.75
N ARG D 52 -9.58 -17.47 -11.13
CA ARG D 52 -9.46 -16.16 -10.52
C ARG D 52 -9.92 -16.24 -9.07
N ARG D 53 -10.96 -17.01 -8.79
CA ARG D 53 -11.48 -17.17 -7.44
C ARG D 53 -10.44 -17.86 -6.57
N THR D 54 -9.75 -18.85 -7.15
CA THR D 54 -8.72 -19.56 -6.43
C THR D 54 -7.64 -18.58 -5.95
N LYS D 55 -7.18 -17.75 -6.90
CA LYS D 55 -6.17 -16.74 -6.64
C LYS D 55 -6.67 -15.77 -5.57
N TRP D 56 -7.96 -15.44 -5.64
CA TRP D 56 -8.55 -14.47 -4.73
C TRP D 56 -8.51 -14.96 -3.29
N LYS D 57 -8.73 -16.27 -3.07
CA LYS D 57 -8.80 -16.76 -1.70
C LYS D 57 -7.41 -17.05 -1.15
N ARG D 58 -6.34 -16.75 -1.90
CA ARG D 58 -4.98 -17.13 -1.55
C ARG D 58 -4.53 -16.47 -0.26
N GLN D 59 -3.77 -17.23 0.54
CA GLN D 59 -3.37 -16.87 1.90
C GLN D 59 -4.63 -16.68 2.75
N ARG G 2 8.68 -7.00 5.90
CA ARG G 2 8.91 -6.29 7.19
C ARG G 2 7.80 -6.66 8.16
N LYS G 3 8.16 -6.84 9.43
CA LYS G 3 7.23 -7.30 10.44
C LYS G 3 6.30 -6.16 10.86
N ALA G 4 5.04 -6.51 11.12
CA ALA G 4 4.11 -5.56 11.73
C ALA G 4 4.72 -5.04 13.02
N ARG G 5 4.46 -3.78 13.35
CA ARG G 5 4.89 -3.23 14.63
C ARG G 5 4.08 -3.83 15.77
N THR G 6 4.77 -4.41 16.76
CA THR G 6 4.09 -4.94 17.94
C THR G 6 3.65 -3.77 18.81
N ALA G 7 2.44 -3.86 19.37
CA ALA G 7 1.98 -2.96 20.41
C ALA G 7 2.03 -3.66 21.77
N PHE G 8 2.99 -3.25 22.61
CA PHE G 8 3.19 -3.88 23.90
C PHE G 8 2.08 -3.49 24.87
N SER G 9 1.64 -4.49 25.66
CA SER G 9 0.64 -4.28 26.69
C SER G 9 1.31 -3.60 27.89
N ASP G 10 0.50 -2.91 28.71
CA ASP G 10 0.98 -2.33 29.94
C ASP G 10 1.77 -3.38 30.71
N HIS G 11 1.28 -4.62 30.76
CA HIS G 11 1.94 -5.69 31.49
C HIS G 11 3.33 -5.97 30.90
N GLN G 12 3.40 -6.03 29.56
CA GLN G 12 4.65 -6.34 28.88
C GLN G 12 5.68 -5.24 29.17
N LEU G 13 5.29 -3.98 28.90
CA LEU G 13 6.14 -2.83 29.19
C LEU G 13 6.64 -2.86 30.62
N ASN G 14 5.72 -3.10 31.56
CA ASN G 14 6.05 -3.02 32.97
C ASN G 14 7.15 -4.03 33.30
N GLN G 15 7.02 -5.26 32.80
CA GLN G 15 7.96 -6.32 33.12
C GLN G 15 9.28 -6.11 32.39
N LEU G 16 9.22 -5.60 31.15
CA LEU G 16 10.43 -5.29 30.41
C LEU G 16 11.24 -4.25 31.18
N GLU G 17 10.56 -3.18 31.61
CA GLU G 17 11.23 -2.11 32.33
C GLU G 17 11.83 -2.67 33.62
N ARG G 18 11.03 -3.44 34.38
CA ARG G 18 11.47 -4.04 35.62
C ARG G 18 12.76 -4.81 35.37
N SER G 19 12.78 -5.62 34.32
CA SER G 19 13.96 -6.39 33.98
C SER G 19 15.12 -5.46 33.66
N PHE G 20 14.86 -4.36 32.93
CA PHE G 20 15.92 -3.44 32.54
C PHE G 20 16.54 -2.83 33.79
N GLU G 21 15.69 -2.40 34.73
CA GLU G 21 16.14 -1.78 35.97
C GLU G 21 17.04 -2.74 36.75
N ARG G 22 16.76 -4.05 36.65
CA ARG G 22 17.50 -5.06 37.40
C ARG G 22 18.78 -5.44 36.65
N GLN G 23 18.65 -5.80 35.37
CA GLN G 23 19.80 -6.09 34.51
C GLN G 23 19.76 -5.24 33.25
N LYS G 24 20.87 -4.55 32.95
CA LYS G 24 20.98 -3.75 31.73
C LYS G 24 21.21 -4.63 30.50
N TYR G 25 21.73 -5.85 30.72
CA TYR G 25 21.98 -6.78 29.64
C TYR G 25 21.55 -8.18 30.06
N LEU G 26 21.18 -9.01 29.09
CA LEU G 26 20.61 -10.33 29.36
C LEU G 26 21.49 -11.40 28.72
N SER G 27 21.69 -12.51 29.43
CA SER G 27 22.18 -13.73 28.80
C SER G 27 21.12 -14.24 27.83
N VAL G 28 21.52 -15.07 26.87
CA VAL G 28 20.58 -15.62 25.90
C VAL G 28 19.44 -16.31 26.65
N GLN G 29 19.78 -17.06 27.72
CA GLN G 29 18.81 -17.82 28.50
C GLN G 29 17.85 -16.86 29.18
N ASP G 30 18.39 -15.84 29.85
CA ASP G 30 17.59 -14.85 30.55
C ASP G 30 16.62 -14.17 29.59
N ARG G 31 17.06 -13.96 28.34
CA ARG G 31 16.23 -13.33 27.32
C ARG G 31 15.07 -14.24 26.94
N MET G 32 15.40 -15.51 26.70
CA MET G 32 14.42 -16.48 26.23
C MET G 32 13.38 -16.70 27.32
N ASP G 33 13.84 -16.76 28.57
CA ASP G 33 12.97 -16.92 29.72
C ASP G 33 11.97 -15.77 29.78
N LEU G 34 12.46 -14.54 29.61
CA LEU G 34 11.63 -13.35 29.67
C LEU G 34 10.63 -13.35 28.51
N ALA G 35 11.11 -13.67 27.30
CA ALA G 35 10.24 -13.74 26.14
C ALA G 35 9.10 -14.74 26.38
N ALA G 36 9.44 -15.87 27.02
CA ALA G 36 8.48 -16.93 27.28
C ALA G 36 7.46 -16.50 28.33
N ALA G 37 7.91 -15.69 29.31
CA ALA G 37 7.07 -15.21 30.39
C ALA G 37 6.00 -14.23 29.87
N LEU G 38 6.33 -13.48 28.80
CA LEU G 38 5.51 -12.37 28.33
C LEU G 38 4.86 -12.67 26.99
N ASN G 39 4.97 -13.93 26.52
CA ASN G 39 4.45 -14.33 25.22
C ASN G 39 4.96 -13.34 24.16
N LEU G 40 6.28 -13.18 24.11
CA LEU G 40 6.94 -12.40 23.08
C LEU G 40 7.96 -13.28 22.37
N THR G 41 8.38 -12.89 21.17
CA THR G 41 9.47 -13.55 20.48
C THR G 41 10.77 -13.16 21.16
N ASP G 42 11.75 -14.07 21.09
CA ASP G 42 13.10 -13.81 21.55
C ASP G 42 13.57 -12.47 20.98
N THR G 43 13.39 -12.32 19.66
CA THR G 43 13.89 -11.17 18.93
C THR G 43 13.21 -9.89 19.40
N GLN G 44 11.92 -9.96 19.71
CA GLN G 44 11.19 -8.79 20.18
C GLN G 44 11.82 -8.25 21.45
N VAL G 45 12.24 -9.17 22.33
CA VAL G 45 12.85 -8.82 23.61
C VAL G 45 14.25 -8.30 23.34
N LYS G 46 15.02 -9.01 22.51
CA LYS G 46 16.36 -8.57 22.16
C LYS G 46 16.29 -7.13 21.67
N THR G 47 15.35 -6.88 20.75
CA THR G 47 15.20 -5.56 20.16
C THR G 47 14.78 -4.54 21.22
N TRP G 48 13.86 -4.92 22.11
CA TRP G 48 13.39 -4.01 23.13
C TRP G 48 14.58 -3.52 23.96
N TYR G 49 15.35 -4.50 24.49
CA TYR G 49 16.51 -4.19 25.32
C TYR G 49 17.35 -3.17 24.56
N GLN G 50 17.63 -3.47 23.28
CA GLN G 50 18.61 -2.72 22.54
C GLN G 50 18.17 -1.27 22.39
N ASN G 51 16.90 -1.08 21.99
CA ASN G 51 16.31 0.25 21.94
C ASN G 51 16.29 0.91 23.33
N ARG G 52 16.05 0.12 24.39
CA ARG G 52 15.98 0.68 25.73
C ARG G 52 17.34 1.20 26.16
N ARG G 53 18.41 0.46 25.81
CA ARG G 53 19.76 0.85 26.14
C ARG G 53 20.11 2.13 25.39
N THR G 54 19.66 2.25 24.14
CA THR G 54 19.92 3.44 23.35
C THR G 54 19.35 4.66 24.07
N LYS G 55 18.10 4.56 24.50
CA LYS G 55 17.42 5.62 25.22
C LYS G 55 18.18 5.93 26.51
N TRP G 56 18.69 4.88 27.17
CA TRP G 56 19.37 5.04 28.43
C TRP G 56 20.66 5.84 28.27
N LYS G 57 21.39 5.67 27.16
CA LYS G 57 22.64 6.41 26.97
C LYS G 57 22.37 7.85 26.57
N ARG G 58 21.23 8.09 25.92
CA ARG G 58 20.84 9.43 25.53
C ARG G 58 20.58 10.25 26.78
N GLN G 59 19.89 9.64 27.74
CA GLN G 59 19.50 10.33 28.97
C GLN G 59 20.60 10.19 30.03
N THR G 60 21.79 9.70 29.66
CA THR G 60 22.90 9.55 30.60
C THR G 60 24.09 10.36 30.11
N ALA G 61 23.83 11.37 29.27
CA ALA G 61 24.90 12.16 28.68
C ALA G 61 24.54 13.65 28.72
N PRO J 1 1.83 -4.32 -21.37
CA PRO J 1 0.49 -4.41 -20.75
C PRO J 1 -0.02 -3.03 -20.36
N ARG J 2 -1.20 -2.66 -20.90
CA ARG J 2 -1.75 -1.32 -20.74
C ARG J 2 -2.09 -1.06 -19.28
N LYS J 3 -1.86 0.17 -18.82
CA LYS J 3 -2.21 0.57 -17.46
C LYS J 3 -3.72 0.76 -17.35
N ALA J 4 -4.28 0.35 -16.21
CA ALA J 4 -5.67 0.64 -15.90
C ALA J 4 -5.90 2.14 -16.02
N ARG J 5 -7.09 2.54 -16.50
CA ARG J 5 -7.46 3.93 -16.49
C ARG J 5 -7.75 4.37 -15.05
N THR J 6 -7.06 5.42 -14.60
CA THR J 6 -7.29 5.97 -13.27
C THR J 6 -8.61 6.73 -13.29
N ALA J 7 -9.40 6.58 -12.21
CA ALA J 7 -10.65 7.30 -12.06
C ALA J 7 -10.48 8.42 -11.03
N PHE J 8 -10.42 9.67 -11.52
CA PHE J 8 -10.13 10.81 -10.66
C PHE J 8 -11.36 11.15 -9.81
N SER J 9 -11.11 11.47 -8.53
CA SER J 9 -12.14 11.91 -7.61
C SER J 9 -12.48 13.36 -7.91
N ASP J 10 -13.71 13.78 -7.53
CA ASP J 10 -14.10 15.17 -7.66
C ASP J 10 -13.00 16.05 -7.07
N HIS J 11 -12.43 15.66 -5.92
CA HIS J 11 -11.38 16.44 -5.27
C HIS J 11 -10.16 16.56 -6.18
N GLN J 12 -9.74 15.44 -6.78
CA GLN J 12 -8.57 15.42 -7.64
C GLN J 12 -8.79 16.33 -8.84
N LEU J 13 -9.88 16.11 -9.57
CA LEU J 13 -10.26 16.95 -10.71
C LEU J 13 -10.25 18.44 -10.31
N ASN J 14 -10.87 18.75 -9.18
CA ASN J 14 -11.05 20.14 -8.78
C ASN J 14 -9.67 20.80 -8.62
N GLN J 15 -8.74 20.10 -7.95
CA GLN J 15 -7.43 20.66 -7.65
C GLN J 15 -6.56 20.70 -8.91
N LEU J 16 -6.70 19.70 -9.77
CA LEU J 16 -5.97 19.69 -11.02
C LEU J 16 -6.39 20.90 -11.85
N GLU J 17 -7.69 21.13 -11.96
CA GLU J 17 -8.21 22.25 -12.73
C GLU J 17 -7.70 23.56 -12.15
N ARG J 18 -7.80 23.69 -10.82
CA ARG J 18 -7.35 24.89 -10.13
C ARG J 18 -5.89 25.17 -10.48
N SER J 19 -5.05 24.13 -10.43
CA SER J 19 -3.65 24.25 -10.79
C SER J 19 -3.51 24.68 -12.26
N PHE J 20 -4.33 24.12 -13.13
CA PHE J 20 -4.25 24.41 -14.55
C PHE J 20 -4.56 25.89 -14.77
N GLU J 21 -5.61 26.38 -14.11
CA GLU J 21 -6.02 27.78 -14.23
C GLU J 21 -4.89 28.71 -13.76
N ARG J 22 -4.09 28.26 -12.80
CA ARG J 22 -3.00 29.05 -12.24
C ARG J 22 -1.76 28.98 -13.16
N GLN J 23 -1.32 27.76 -13.44
CA GLN J 23 -0.22 27.51 -14.36
C GLN J 23 -0.62 26.52 -15.46
N LYS J 24 -0.35 26.87 -16.72
CA LYS J 24 -0.59 25.98 -17.85
C LYS J 24 0.48 24.90 -17.96
N TYR J 25 1.66 25.13 -17.37
CA TYR J 25 2.74 24.16 -17.39
C TYR J 25 3.41 24.07 -16.03
N LEU J 26 3.99 22.91 -15.69
CA LEU J 26 4.52 22.68 -14.37
C LEU J 26 6.01 22.39 -14.44
N SER J 27 6.78 22.96 -13.50
CA SER J 27 8.14 22.48 -13.27
C SER J 27 8.05 21.06 -12.68
N VAL J 28 9.15 20.30 -12.76
CA VAL J 28 9.16 18.95 -12.22
C VAL J 28 8.74 18.98 -10.75
N GLN J 29 9.23 19.97 -9.99
CA GLN J 29 8.96 20.09 -8.56
C GLN J 29 7.46 20.36 -8.36
N ASP J 30 6.93 21.33 -9.10
CA ASP J 30 5.53 21.71 -8.98
C ASP J 30 4.63 20.51 -9.30
N ARG J 31 5.08 19.66 -10.23
CA ARG J 31 4.34 18.47 -10.62
C ARG J 31 4.34 17.46 -9.47
N MET J 32 5.52 17.22 -8.91
CA MET J 32 5.70 16.22 -7.86
C MET J 32 4.90 16.63 -6.63
N ASP J 33 4.94 17.94 -6.31
CA ASP J 33 4.19 18.49 -5.20
C ASP J 33 2.70 18.21 -5.38
N LEU J 34 2.18 18.45 -6.58
CA LEU J 34 0.77 18.28 -6.87
C LEU J 34 0.40 16.80 -6.79
N ALA J 35 1.23 15.95 -7.39
CA ALA J 35 1.02 14.51 -7.35
C ALA J 35 0.96 14.02 -5.91
N ALA J 36 1.83 14.57 -5.05
CA ALA J 36 1.91 14.16 -3.66
C ALA J 36 0.70 14.65 -2.88
N ALA J 37 0.16 15.81 -3.26
CA ALA J 37 -1.00 16.40 -2.60
C ALA J 37 -2.25 15.56 -2.84
N LEU J 38 -2.33 14.91 -4.01
CA LEU J 38 -3.55 14.25 -4.47
C LEU J 38 -3.41 12.73 -4.46
N ASN J 39 -2.31 12.21 -3.91
CA ASN J 39 -2.02 10.79 -3.94
C ASN J 39 -2.17 10.27 -5.37
N LEU J 40 -1.44 10.89 -6.30
CA LEU J 40 -1.35 10.43 -7.68
C LEU J 40 0.12 10.22 -8.01
N THR J 41 0.38 9.46 -9.09
CA THR J 41 1.73 9.30 -9.59
C THR J 41 2.12 10.59 -10.31
N ASP J 42 3.42 10.89 -10.32
CA ASP J 42 3.94 12.01 -11.09
C ASP J 42 3.41 11.94 -12.51
N THR J 43 3.52 10.75 -13.11
CA THR J 43 3.17 10.53 -14.49
C THR J 43 1.68 10.78 -14.73
N GLN J 44 0.83 10.41 -13.77
CA GLN J 44 -0.60 10.61 -13.92
C GLN J 44 -0.90 12.10 -14.06
N VAL J 45 -0.17 12.92 -13.29
CA VAL J 45 -0.34 14.36 -13.30
C VAL J 45 0.25 14.91 -14.60
N LYS J 46 1.45 14.47 -14.96
CA LYS J 46 2.08 14.90 -16.19
C LYS J 46 1.10 14.66 -17.34
N THR J 47 0.53 13.46 -17.37
CA THR J 47 -0.39 13.07 -18.44
C THR J 47 -1.64 13.94 -18.37
N TRP J 48 -2.18 14.18 -17.17
CA TRP J 48 -3.40 14.97 -17.02
C TRP J 48 -3.17 16.35 -17.65
N TYR J 49 -2.10 17.02 -17.23
CA TYR J 49 -1.75 18.34 -17.73
C TYR J 49 -1.77 18.26 -19.26
N GLN J 50 -1.09 17.27 -19.82
CA GLN J 50 -0.85 17.24 -21.26
C GLN J 50 -2.18 17.12 -22.01
N ASN J 51 -3.03 16.20 -21.55
CA ASN J 51 -4.38 16.08 -22.09
C ASN J 51 -5.19 17.36 -21.86
N ARG J 52 -4.99 18.03 -20.72
CA ARG J 52 -5.75 19.23 -20.41
C ARG J 52 -5.36 20.35 -21.36
N ARG J 53 -4.06 20.45 -21.68
CA ARG J 53 -3.56 21.45 -22.60
C ARG J 53 -4.14 21.21 -23.99
N THR J 54 -4.24 19.93 -24.38
CA THR J 54 -4.82 19.59 -25.67
C THR J 54 -6.24 20.15 -25.78
N LYS J 55 -7.03 19.87 -24.73
CA LYS J 55 -8.40 20.32 -24.65
C LYS J 55 -8.45 21.85 -24.68
N TRP J 56 -7.48 22.49 -24.03
CA TRP J 56 -7.43 23.94 -23.94
C TRP J 56 -7.23 24.57 -25.31
N LYS J 57 -6.43 23.95 -26.19
CA LYS J 57 -6.11 24.56 -27.46
C LYS J 57 -7.28 24.48 -28.45
N ARG J 58 -8.31 23.68 -28.16
CA ARG J 58 -9.46 23.62 -29.04
C ARG J 58 -10.28 24.91 -28.97
N LEU M 13 15.08 21.42 -6.92
CA LEU M 13 15.45 22.10 -8.19
C LEU M 13 14.61 21.54 -9.33
N ASN M 14 15.22 20.81 -10.29
CA ASN M 14 14.49 20.24 -11.42
C ASN M 14 15.30 19.14 -12.10
N GLN M 15 16.55 19.45 -12.50
CA GLN M 15 17.48 18.45 -12.99
C GLN M 15 17.87 17.53 -11.84
N LEU M 16 17.87 18.09 -10.62
CA LEU M 16 18.11 17.33 -9.40
C LEU M 16 17.07 16.21 -9.27
N GLU M 17 15.80 16.53 -9.52
CA GLU M 17 14.69 15.63 -9.26
C GLU M 17 14.65 14.43 -10.19
N ARG M 18 15.17 14.58 -11.41
CA ARG M 18 14.99 13.54 -12.42
C ARG M 18 15.99 12.41 -12.18
N SER M 19 17.22 12.76 -11.77
CA SER M 19 18.23 11.74 -11.46
C SER M 19 18.05 11.25 -10.03
N PHE M 20 17.00 11.74 -9.37
CA PHE M 20 16.51 11.14 -8.14
C PHE M 20 15.54 10.01 -8.44
N GLU M 21 14.48 10.33 -9.19
CA GLU M 21 13.38 9.41 -9.48
C GLU M 21 13.87 8.21 -10.28
N ARG M 22 14.81 8.42 -11.21
CA ARG M 22 15.43 7.29 -11.91
C ARG M 22 16.07 6.37 -10.88
N GLN M 23 16.91 6.95 -10.03
CA GLN M 23 17.52 6.22 -8.93
C GLN M 23 16.44 5.56 -8.07
N LYS M 24 15.40 6.32 -7.76
CA LYS M 24 14.40 5.87 -6.81
C LYS M 24 13.65 4.65 -7.36
N TYR M 25 13.57 3.64 -6.50
CA TYR M 25 12.56 2.59 -6.56
C TYR M 25 12.39 1.94 -5.17
N LEU M 26 13.49 1.85 -4.38
CA LEU M 26 13.42 1.34 -3.02
C LEU M 26 14.38 2.10 -2.09
N SER M 27 15.59 1.57 -1.87
CA SER M 27 16.39 1.94 -0.71
C SER M 27 17.87 2.10 -1.10
N VAL M 28 18.57 3.07 -0.50
CA VAL M 28 19.96 3.34 -0.80
C VAL M 28 20.79 3.22 0.48
N GLN M 29 22.12 3.29 0.33
CA GLN M 29 23.07 2.70 1.28
C GLN M 29 24.31 3.58 1.41
N ASP M 30 25.04 3.70 0.29
CA ASP M 30 26.02 4.74 0.05
C ASP M 30 25.43 6.11 0.38
N ARG M 31 24.40 6.50 -0.40
CA ARG M 31 23.78 7.81 -0.40
C ARG M 31 24.78 8.90 -0.79
N MET M 32 26.01 8.80 -0.27
CA MET M 32 27.03 9.84 -0.37
C MET M 32 27.46 10.04 -1.81
N ASP M 33 27.48 8.95 -2.58
CA ASP M 33 27.89 8.97 -3.97
C ASP M 33 26.90 9.80 -4.79
N LEU M 34 25.62 9.39 -4.76
CA LEU M 34 24.55 10.08 -5.45
C LEU M 34 24.47 11.53 -4.95
N ALA M 35 24.66 11.72 -3.64
CA ALA M 35 24.68 13.06 -3.07
C ALA M 35 25.76 13.92 -3.74
N ALA M 36 26.92 13.32 -4.00
CA ALA M 36 28.04 14.02 -4.63
C ALA M 36 27.73 14.37 -6.08
N ALA M 37 26.98 13.49 -6.76
CA ALA M 37 26.71 13.64 -8.18
C ALA M 37 25.67 14.71 -8.46
N LEU M 38 24.94 15.16 -7.41
CA LEU M 38 23.87 16.13 -7.54
C LEU M 38 24.17 17.43 -6.76
N ASN M 39 25.31 17.46 -6.06
CA ASN M 39 25.69 18.58 -5.20
C ASN M 39 24.54 18.96 -4.27
N LEU M 40 24.04 17.93 -3.57
CA LEU M 40 23.04 18.01 -2.52
C LEU M 40 23.56 17.18 -1.33
N THR M 41 23.25 17.62 -0.10
CA THR M 41 23.81 16.99 1.08
C THR M 41 23.09 15.68 1.40
N ASP M 42 23.82 14.77 2.04
CA ASP M 42 23.28 13.53 2.61
C ASP M 42 21.91 13.80 3.25
N THR M 43 21.83 14.86 4.05
CA THR M 43 20.64 15.19 4.81
C THR M 43 19.47 15.44 3.86
N GLN M 44 19.67 16.36 2.90
CA GLN M 44 18.69 16.68 1.87
C GLN M 44 18.19 15.42 1.17
N VAL M 45 19.11 14.50 0.86
CA VAL M 45 18.82 13.36 0.01
C VAL M 45 18.17 12.25 0.83
N LYS M 46 18.63 12.00 2.07
CA LYS M 46 17.97 11.06 2.96
C LYS M 46 16.53 11.51 3.17
N THR M 47 16.35 12.79 3.56
CA THR M 47 15.04 13.40 3.70
C THR M 47 14.22 13.18 2.43
N TRP M 48 14.78 13.49 1.25
CA TRP M 48 14.04 13.33 0.00
C TRP M 48 13.64 11.87 -0.16
N TYR M 49 14.60 10.96 0.02
CA TYR M 49 14.38 9.55 -0.27
C TYR M 49 13.17 9.08 0.55
N GLN M 50 13.11 9.49 1.82
CA GLN M 50 12.16 8.94 2.78
C GLN M 50 10.77 9.54 2.60
N ASN M 51 10.68 10.76 2.05
CA ASN M 51 9.39 11.32 1.66
C ASN M 51 8.85 10.61 0.42
N ARG M 52 9.74 10.14 -0.45
CA ARG M 52 9.33 9.43 -1.66
C ARG M 52 8.83 8.04 -1.28
N ARG M 53 9.38 7.47 -0.21
CA ARG M 53 8.96 6.16 0.24
C ARG M 53 7.56 6.28 0.83
N THR M 54 7.32 7.26 1.70
CA THR M 54 5.98 7.42 2.27
C THR M 54 4.98 7.69 1.14
N LYS M 55 5.42 8.33 0.06
CA LYS M 55 4.56 8.70 -1.05
C LYS M 55 4.22 7.46 -1.91
N TRP M 56 5.24 6.64 -2.22
CA TRP M 56 5.06 5.35 -2.86
C TRP M 56 4.60 4.35 -1.82
N LYS M 57 3.37 3.87 -1.91
CA LYS M 57 2.67 3.20 -0.81
C LYS M 57 1.50 4.07 -0.37
N ARG M 58 1.74 5.39 -0.32
CA ARG M 58 0.71 6.40 -0.26
C ARG M 58 0.36 6.70 1.20
C ACT N . -19.04 -8.20 12.41
O ACT N . -18.11 -7.41 12.69
OXT ACT N . -19.95 -8.53 13.21
CH3 ACT N . -19.09 -8.80 11.00
#